data_8DKV
#
_entry.id   8DKV
#
_cell.length_a   83.160
_cell.length_b   81.630
_cell.length_c   48.010
_cell.angle_alpha   90.000
_cell.angle_beta   104.060
_cell.angle_gamma   90.000
#
_symmetry.space_group_name_H-M   'C 1 2 1'
#
loop_
_entity.id
_entity.type
_entity.pdbx_description
1 polymer 'Peroxisome proliferator-activated receptor gamma'
2 polymer 'Nuclear receptor corepressor 1'
3 non-polymer 2-chloro-N-[4-(5-methyl-1,3-benzoxazol-2-yl)phenyl]-5-nitrobenzamide
4 non-polymer '3-CYCLOHEXYL-1-PROPYLSULFONIC ACID'
5 non-polymer 'SULFATE ION'
6 water water
#
loop_
_entity_poly.entity_id
_entity_poly.type
_entity_poly.pdbx_seq_one_letter_code
_entity_poly.pdbx_strand_id
1 'polypeptide(L)'
;GPESADLRALAKHLYDSYIKSFPLTKAKARAILTGKTTDKSPFVIYDMNSLMMGEDKIKFKHITPLQEQSKEVAIRIFQG
CQFRSVEAVQEITEYAKSIPGFVNLDLNDQVTLLKYGVHEIIYTMLASLMNKDGVLISEGQGFMTREFLKSLRKPFGDFM
EPKFEFAVKFNALELDDSDLAIFIAVIILSGDRPGLLNVKPIEDIQDNLLQALELQLKLNHPESSQLFAKLLQKMTDLRQ
IVTEHVQLLQVIKKTETDMSLHPLLQEIYKDLY
;
A
2 'polypeptide(L)' SNLGLEDIIRKALM C
#
loop_
_chem_comp.id
_chem_comp.type
_chem_comp.name
_chem_comp.formula
CXS non-polymer '3-CYCLOHEXYL-1-PROPYLSULFONIC ACID' 'C9 H19 N O3 S'
SKL non-polymer 2-chloro-N-[4-(5-methyl-1,3-benzoxazol-2-yl)phenyl]-5-nitrobenzamide 'C21 H14 Cl N3 O4'
SO4 non-polymer 'SULFATE ION' 'O4 S -2'
#
# COMPACT_ATOMS: atom_id res chain seq x y z
N PRO A 2 10.28 32.88 2.48
CA PRO A 2 9.79 32.50 3.89
C PRO A 2 8.59 31.50 3.86
N GLU A 3 7.63 31.80 3.01
CA GLU A 3 6.60 30.87 2.60
C GLU A 3 7.24 29.62 1.99
N SER A 4 8.17 29.76 1.06
CA SER A 4 8.78 28.62 0.45
C SER A 4 9.68 27.89 1.45
N ALA A 5 10.36 28.63 2.30
CA ALA A 5 11.20 28.02 3.34
C ALA A 5 10.33 27.14 4.24
N ASP A 6 9.12 27.60 4.54
CA ASP A 6 8.29 26.86 5.45
C ASP A 6 7.74 25.61 4.79
N LEU A 7 7.44 25.70 3.47
CA LEU A 7 7.02 24.52 2.68
C LEU A 7 8.15 23.50 2.64
N ARG A 8 9.40 23.98 2.42
CA ARG A 8 10.58 23.06 2.49
C ARG A 8 10.76 22.43 3.85
N ALA A 9 10.52 23.20 4.90
CA ALA A 9 10.72 22.66 6.28
C ALA A 9 9.65 21.58 6.59
N LEU A 10 8.45 21.79 6.14
CA LEU A 10 7.35 20.83 6.29
C LEU A 10 7.66 19.50 5.59
N ALA A 11 8.08 19.60 4.31
CA ALA A 11 8.55 18.41 3.55
C ALA A 11 9.65 17.65 4.35
N LYS A 12 10.65 18.36 4.85
CA LYS A 12 11.69 17.72 5.61
C LYS A 12 11.18 17.04 6.88
N HIS A 13 10.38 17.74 7.65
CA HIS A 13 9.74 17.15 8.81
C HIS A 13 9.05 15.82 8.46
N LEU A 14 8.23 15.85 7.41
CA LEU A 14 7.54 14.66 6.97
C LEU A 14 8.45 13.52 6.58
N TYR A 15 9.52 13.85 5.87
CA TYR A 15 10.49 12.86 5.39
C TYR A 15 11.16 12.19 6.59
N ASP A 16 11.61 13.01 7.56
CA ASP A 16 12.26 12.50 8.74
C ASP A 16 11.33 11.61 9.53
N SER A 17 10.07 12.02 9.62
CA SER A 17 9.07 11.24 10.31
C SER A 17 8.75 9.94 9.58
N TYR A 18 8.72 9.97 8.26
CA TYR A 18 8.51 8.77 7.44
C TYR A 18 9.62 7.71 7.63
N ILE A 19 10.86 8.16 7.62
CA ILE A 19 11.99 7.30 7.84
C ILE A 19 11.88 6.71 9.26
N LYS A 20 11.42 7.47 10.24
CA LYS A 20 11.28 6.93 11.61
C LYS A 20 10.17 5.89 11.76
N SER A 21 9.14 6.01 10.93
CA SER A 21 7.93 5.20 11.08
C SER A 21 7.90 3.96 10.21
N PHE A 22 8.49 4.00 9.02
CA PHE A 22 8.51 2.91 8.06
C PHE A 22 9.85 2.24 7.83
N PRO A 23 10.08 1.10 8.46
CA PRO A 23 11.34 0.40 8.20
C PRO A 23 11.55 -0.07 6.75
N LEU A 24 10.44 -0.39 6.08
CA LEU A 24 10.44 -0.89 4.71
C LEU A 24 10.24 0.25 3.72
N THR A 25 11.31 0.89 3.39
CA THR A 25 11.21 2.02 2.48
C THR A 25 11.25 1.60 1.04
N LYS A 26 10.88 2.57 0.18
CA LYS A 26 11.01 2.29 -1.20
C LYS A 26 12.51 2.02 -1.62
N ALA A 27 13.46 2.77 -1.09
CA ALA A 27 14.86 2.59 -1.45
C ALA A 27 15.31 1.17 -1.07
N LYS A 28 14.87 0.73 0.08
CA LYS A 28 15.22 -0.66 0.47
C LYS A 28 14.62 -1.70 -0.43
N ALA A 29 13.34 -1.52 -0.82
CA ALA A 29 12.76 -2.45 -1.79
C ALA A 29 13.47 -2.46 -3.12
N ARG A 30 13.86 -1.30 -3.62
CA ARG A 30 14.44 -1.19 -4.94
C ARG A 30 15.86 -1.76 -4.90
N ALA A 31 16.57 -1.60 -3.75
CA ALA A 31 17.94 -2.20 -3.59
C ALA A 31 17.89 -3.73 -3.66
N ILE A 32 16.83 -4.32 -3.11
CA ILE A 32 16.60 -5.76 -3.28
C ILE A 32 16.23 -6.05 -4.72
N LEU A 33 15.31 -5.29 -5.33
CA LEU A 33 14.91 -5.54 -6.72
C LEU A 33 16.06 -5.35 -7.73
N THR A 34 16.98 -4.44 -7.46
CA THR A 34 18.12 -4.20 -8.35
C THR A 34 19.36 -5.09 -8.08
N GLY A 35 19.69 -5.36 -6.83
CA GLY A 35 20.84 -6.21 -6.48
C GLY A 35 21.96 -5.50 -5.73
N LYS A 36 21.89 -4.17 -5.67
CA LYS A 36 22.83 -3.32 -4.90
C LYS A 36 23.10 -3.88 -3.51
N THR A 37 22.02 -4.32 -2.85
CA THR A 37 22.03 -5.05 -1.58
C THR A 37 23.24 -6.00 -1.34
N THR A 38 23.71 -6.03 -0.09
CA THR A 38 24.82 -6.91 0.35
C THR A 38 24.55 -8.37 0.02
N ASP A 39 23.40 -8.85 0.49
CA ASP A 39 23.17 -10.28 0.64
C ASP A 39 22.65 -10.90 -0.66
N LYS A 40 22.41 -12.21 -0.61
CA LYS A 40 22.00 -12.97 -1.78
C LYS A 40 20.54 -12.65 -2.17
N SER A 41 20.26 -12.84 -3.45
CA SER A 41 19.03 -12.38 -4.10
C SER A 41 17.79 -13.19 -3.67
N PRO A 42 16.57 -12.68 -4.00
CA PRO A 42 15.36 -13.43 -3.66
C PRO A 42 15.24 -14.70 -4.47
N PHE A 43 14.64 -15.75 -3.91
CA PHE A 43 14.25 -16.91 -4.73
C PHE A 43 13.03 -16.60 -5.64
N VAL A 44 13.15 -16.99 -6.91
CA VAL A 44 12.14 -16.70 -7.89
C VAL A 44 11.14 -17.82 -8.10
N ILE A 45 9.90 -17.55 -7.78
CA ILE A 45 8.84 -18.46 -8.08
C ILE A 45 8.23 -18.06 -9.40
N TYR A 46 8.44 -18.91 -10.39
CA TYR A 46 7.96 -18.64 -11.76
C TYR A 46 7.17 -19.76 -12.38
N ASP A 47 7.03 -20.87 -11.68
CA ASP A 47 6.20 -21.93 -12.10
C ASP A 47 5.93 -22.86 -10.98
N MET A 48 5.26 -23.97 -11.24
CA MET A 48 4.84 -24.89 -10.16
C MET A 48 6.04 -25.60 -9.59
N ASN A 49 6.96 -26.00 -10.45
CA ASN A 49 8.17 -26.59 -10.02
C ASN A 49 8.92 -25.67 -9.06
N SER A 50 9.14 -24.39 -9.44
CA SER A 50 9.91 -23.48 -8.62
C SER A 50 9.14 -23.16 -7.34
N LEU A 51 7.82 -23.20 -7.41
CA LEU A 51 6.96 -23.06 -6.23
C LEU A 51 7.26 -24.13 -5.22
N MET A 52 7.26 -25.37 -5.69
CA MET A 52 7.52 -26.52 -4.81
C MET A 52 8.93 -26.52 -4.37
N MET A 53 9.87 -26.11 -5.22
CA MET A 53 11.24 -26.03 -4.80
C MET A 53 11.49 -24.87 -3.80
N GLY A 54 10.57 -23.90 -3.71
CA GLY A 54 10.58 -22.88 -2.64
C GLY A 54 9.93 -23.31 -1.31
N GLU A 55 10.63 -23.06 -0.20
CA GLU A 55 10.07 -23.25 1.15
C GLU A 55 10.82 -22.35 2.16
N ASP A 56 10.55 -21.03 2.07
CA ASP A 56 11.23 -20.00 2.88
C ASP A 56 10.33 -19.33 3.94
N LYS A 57 9.16 -19.92 4.20
CA LYS A 57 8.04 -19.19 4.80
C LYS A 57 8.22 -18.98 6.30
N PRO A 65 -0.81 -24.22 7.56
CA PRO A 65 -0.64 -25.41 6.70
C PRO A 65 -1.87 -26.32 6.58
N LEU A 66 -2.95 -26.03 7.32
CA LEU A 66 -4.12 -26.94 7.41
C LEU A 66 -5.03 -26.87 6.16
N GLN A 67 -5.87 -27.89 6.00
CA GLN A 67 -6.48 -28.24 4.70
C GLN A 67 -7.69 -27.37 4.37
N GLU A 68 -7.53 -26.41 3.47
CA GLU A 68 -8.59 -25.40 3.25
C GLU A 68 -9.67 -25.83 2.24
N GLN A 69 -10.91 -25.43 2.52
CA GLN A 69 -12.11 -25.93 1.82
C GLN A 69 -12.59 -24.99 0.71
N SER A 70 -12.40 -25.44 -0.53
CA SER A 70 -13.23 -25.08 -1.68
C SER A 70 -13.82 -23.65 -1.70
N LYS A 71 -15.01 -23.48 -1.12
CA LYS A 71 -15.70 -22.20 -1.31
C LYS A 71 -15.27 -21.13 -0.29
N GLU A 72 -14.31 -21.47 0.56
CA GLU A 72 -13.71 -20.52 1.49
C GLU A 72 -12.32 -20.01 1.13
N VAL A 73 -11.68 -20.51 0.07
CA VAL A 73 -10.22 -20.32 -0.09
C VAL A 73 -9.91 -18.85 -0.28
N ALA A 74 -10.75 -18.18 -1.09
CA ALA A 74 -10.60 -16.77 -1.45
C ALA A 74 -10.89 -15.84 -0.24
N ILE A 75 -11.98 -16.07 0.51
CA ILE A 75 -12.31 -15.22 1.67
C ILE A 75 -11.23 -15.39 2.71
N ARG A 76 -10.72 -16.61 2.87
CA ARG A 76 -9.65 -16.86 3.81
C ARG A 76 -8.38 -16.14 3.39
N ILE A 77 -8.15 -16.03 2.07
CA ILE A 77 -7.08 -15.14 1.57
C ILE A 77 -7.30 -13.67 1.93
N PHE A 78 -8.44 -13.10 1.58
CA PHE A 78 -8.67 -11.69 1.93
C PHE A 78 -8.57 -11.42 3.46
N GLN A 79 -9.20 -12.26 4.25
CA GLN A 79 -9.09 -12.11 5.68
C GLN A 79 -7.66 -12.17 6.17
N GLY A 80 -6.88 -13.11 5.65
CA GLY A 80 -5.54 -13.38 6.14
C GLY A 80 -4.57 -12.23 5.77
N CYS A 81 -4.69 -11.72 4.55
CA CYS A 81 -3.87 -10.61 4.10
C CYS A 81 -4.24 -9.40 4.93
N GLN A 82 -5.53 -9.24 5.23
CA GLN A 82 -5.93 -8.04 6.02
C GLN A 82 -5.35 -8.14 7.45
N PHE A 83 -5.39 -9.31 8.05
CA PHE A 83 -4.79 -9.48 9.35
C PHE A 83 -3.26 -9.28 9.39
N ARG A 84 -2.57 -9.67 8.31
CA ARG A 84 -1.11 -9.54 8.27
C ARG A 84 -0.79 -8.07 8.01
N SER A 85 -1.73 -7.26 7.53
CA SER A 85 -1.56 -5.80 7.36
C SER A 85 -1.45 -4.96 8.61
N VAL A 86 -1.65 -5.53 9.77
CA VAL A 86 -1.72 -4.78 11.01
C VAL A 86 -0.43 -4.06 11.31
N GLU A 87 0.75 -4.69 11.17
CA GLU A 87 1.96 -3.90 11.44
C GLU A 87 2.05 -2.64 10.48
N ALA A 88 1.65 -2.76 9.22
CA ALA A 88 1.56 -1.58 8.34
C ALA A 88 0.60 -0.53 8.87
N VAL A 89 -0.55 -0.98 9.29
CA VAL A 89 -1.55 -0.11 9.86
C VAL A 89 -0.99 0.66 11.04
N GLN A 90 -0.26 -0.02 11.94
CA GLN A 90 0.32 0.61 13.06
C GLN A 90 1.39 1.64 12.65
N GLU A 91 2.23 1.26 11.68
CA GLU A 91 3.25 2.16 11.14
C GLU A 91 2.63 3.42 10.53
N ILE A 92 1.54 3.23 9.76
CA ILE A 92 0.87 4.38 9.19
C ILE A 92 0.25 5.31 10.22
N THR A 93 -0.28 4.65 11.24
CA THR A 93 -0.87 5.40 12.36
C THR A 93 0.12 6.24 13.08
N GLU A 94 1.29 5.67 13.33
CA GLU A 94 2.40 6.37 13.93
C GLU A 94 2.90 7.54 13.09
N TYR A 95 3.02 7.33 11.78
CA TYR A 95 3.41 8.40 10.90
C TYR A 95 2.38 9.55 10.94
N ALA A 96 1.10 9.20 10.97
CA ALA A 96 -0.03 10.15 10.92
C ALA A 96 0.02 11.12 12.12
N LYS A 97 0.45 10.58 13.27
CA LYS A 97 0.58 11.40 14.50
C LYS A 97 1.61 12.48 14.35
N SER A 98 2.63 12.24 13.51
CA SER A 98 3.64 13.26 13.23
C SER A 98 3.20 14.35 12.21
N ILE A 99 2.07 14.22 11.55
CA ILE A 99 1.61 15.21 10.55
C ILE A 99 1.04 16.45 11.24
N PRO A 100 1.71 17.63 11.11
CA PRO A 100 1.26 18.79 11.87
C PRO A 100 -0.24 19.04 11.77
N GLY A 101 -0.88 19.15 12.95
CA GLY A 101 -2.30 19.35 13.03
C GLY A 101 -3.14 18.11 13.24
N PHE A 102 -2.67 16.95 12.77
CA PHE A 102 -3.39 15.71 12.90
C PHE A 102 -3.79 15.34 14.39
N VAL A 103 -2.87 15.27 15.36
CA VAL A 103 -3.29 14.80 16.75
C VAL A 103 -4.12 15.85 17.47
N ASN A 104 -4.03 17.08 17.03
CA ASN A 104 -4.93 18.13 17.49
C ASN A 104 -6.29 18.00 16.85
N LEU A 105 -6.45 17.09 15.89
CA LEU A 105 -7.79 16.81 15.39
C LEU A 105 -8.55 15.96 16.43
N ASP A 106 -9.84 16.05 16.27
CA ASP A 106 -10.91 15.29 16.91
C ASP A 106 -10.62 13.78 16.84
N LEU A 107 -10.53 13.11 18.01
CA LEU A 107 -10.08 11.68 18.04
C LEU A 107 -10.90 10.89 17.07
N ASN A 108 -12.20 11.11 17.09
CA ASN A 108 -13.11 10.48 16.19
C ASN A 108 -12.70 10.61 14.70
N ASP A 109 -12.30 11.82 14.33
CA ASP A 109 -11.81 12.09 12.99
C ASP A 109 -10.43 11.48 12.69
N GLN A 110 -9.51 11.52 13.64
CA GLN A 110 -8.25 10.80 13.43
C GLN A 110 -8.54 9.32 12.98
N VAL A 111 -9.41 8.64 13.73
CA VAL A 111 -9.71 7.25 13.49
C VAL A 111 -10.35 7.02 12.12
N THR A 112 -11.34 7.84 11.78
CA THR A 112 -11.95 7.79 10.47
C THR A 112 -10.95 7.97 9.31
N LEU A 113 -10.17 9.02 9.39
CA LEU A 113 -9.22 9.32 8.35
C LEU A 113 -8.31 8.08 8.12
N LEU A 114 -7.87 7.46 9.19
CA LEU A 114 -6.99 6.29 9.07
C LEU A 114 -7.72 5.04 8.57
N LYS A 115 -8.97 4.83 9.05
CA LYS A 115 -9.76 3.69 8.68
C LYS A 115 -9.88 3.58 7.15
N TYR A 116 -10.08 4.71 6.47
CA TYR A 116 -10.18 4.72 5.05
C TYR A 116 -8.80 4.83 4.39
N GLY A 117 -7.92 5.65 4.95
CA GLY A 117 -6.69 6.01 4.30
C GLY A 117 -5.71 4.86 4.21
N VAL A 118 -5.67 4.03 5.22
CA VAL A 118 -4.65 3.01 5.29
C VAL A 118 -4.63 2.12 4.03
N HIS A 119 -5.78 1.79 3.46
CA HIS A 119 -5.84 0.88 2.34
C HIS A 119 -5.18 1.44 1.11
N GLU A 120 -5.39 2.72 0.85
CA GLU A 120 -4.74 3.43 -0.26
C GLU A 120 -3.19 3.43 -0.09
N ILE A 121 -2.78 3.62 1.14
CA ILE A 121 -1.34 3.67 1.52
C ILE A 121 -0.74 2.32 1.39
N ILE A 122 -1.41 1.29 1.85
CA ILE A 122 -0.96 -0.06 1.69
C ILE A 122 -0.69 -0.43 0.18
N TYR A 123 -1.57 0.02 -0.71
CA TYR A 123 -1.27 -0.12 -2.14
C TYR A 123 -0.07 0.60 -2.66
N THR A 124 0.22 1.78 -2.11
CA THR A 124 1.40 2.53 -2.47
CA THR A 124 1.43 2.49 -2.52
C THR A 124 2.65 1.74 -2.02
N MET A 125 2.52 1.16 -0.81
CA MET A 125 3.60 0.24 -0.30
C MET A 125 3.77 -0.96 -1.22
N LEU A 126 2.68 -1.58 -1.62
CA LEU A 126 2.65 -2.71 -2.50
C LEU A 126 3.43 -2.33 -3.78
N ALA A 127 3.20 -1.14 -4.34
CA ALA A 127 3.91 -0.75 -5.54
C ALA A 127 5.42 -0.75 -5.41
N SER A 128 5.96 -0.34 -4.29
CA SER A 128 7.39 -0.39 -4.04
C SER A 128 7.96 -1.83 -4.14
N LEU A 129 7.14 -2.85 -3.82
CA LEU A 129 7.58 -4.24 -3.90
C LEU A 129 7.45 -4.84 -5.29
N MET A 130 6.86 -4.11 -6.23
CA MET A 130 6.60 -4.61 -7.58
C MET A 130 7.45 -4.02 -8.65
N ASN A 131 7.72 -4.84 -9.67
CA ASN A 131 8.01 -4.30 -11.00
C ASN A 131 7.12 -4.94 -12.11
N LYS A 132 7.42 -4.67 -13.38
CA LYS A 132 6.58 -5.23 -14.46
C LYS A 132 6.56 -6.76 -14.55
N ASP A 133 7.55 -7.42 -13.97
CA ASP A 133 7.76 -8.84 -13.97
C ASP A 133 7.25 -9.53 -12.71
N GLY A 134 6.98 -8.84 -11.58
CA GLY A 134 6.71 -9.62 -10.37
C GLY A 134 6.72 -8.78 -9.08
N VAL A 135 6.59 -9.49 -7.96
CA VAL A 135 6.37 -8.85 -6.66
C VAL A 135 7.23 -9.56 -5.62
N LEU A 136 7.87 -8.77 -4.77
CA LEU A 136 8.59 -9.34 -3.61
C LEU A 136 7.65 -9.92 -2.55
N ILE A 137 7.97 -11.11 -1.98
CA ILE A 137 7.15 -11.79 -0.98
C ILE A 137 8.11 -12.33 0.13
N SER A 138 7.51 -12.75 1.24
CA SER A 138 8.23 -13.47 2.29
C SER A 138 9.39 -12.61 2.76
N GLU A 139 9.03 -11.39 3.18
CA GLU A 139 10.00 -10.44 3.71
C GLU A 139 11.15 -10.19 2.77
N GLY A 140 10.85 -10.08 1.48
CA GLY A 140 11.85 -9.66 0.50
C GLY A 140 12.83 -10.74 0.12
N GLN A 141 12.62 -11.97 0.59
CA GLN A 141 13.47 -13.11 0.24
C GLN A 141 12.94 -13.94 -0.93
N GLY A 142 11.68 -13.72 -1.34
CA GLY A 142 11.10 -14.40 -2.50
C GLY A 142 10.61 -13.38 -3.52
N PHE A 143 10.42 -13.83 -4.76
CA PHE A 143 9.92 -12.99 -5.86
C PHE A 143 8.98 -13.83 -6.69
N MET A 144 7.73 -13.47 -6.74
CA MET A 144 6.71 -14.21 -7.42
C MET A 144 6.40 -13.55 -8.76
N THR A 145 6.54 -14.27 -9.87
CA THR A 145 6.24 -13.57 -11.14
C THR A 145 4.79 -13.18 -11.46
N ARG A 146 4.68 -12.09 -12.21
CA ARG A 146 3.41 -11.58 -12.66
C ARG A 146 2.76 -12.58 -13.60
N GLU A 147 3.57 -13.14 -14.50
CA GLU A 147 3.09 -14.12 -15.51
C GLU A 147 2.49 -15.35 -14.80
N PHE A 148 3.17 -15.83 -13.75
CA PHE A 148 2.66 -16.96 -13.03
C PHE A 148 1.36 -16.65 -12.33
N LEU A 149 1.25 -15.48 -11.68
CA LEU A 149 0.09 -15.16 -10.94
C LEU A 149 -1.07 -15.02 -11.91
N LYS A 150 -0.79 -14.45 -13.09
CA LYS A 150 -1.87 -14.23 -14.10
C LYS A 150 -2.37 -15.50 -14.71
N SER A 151 -1.56 -16.53 -14.70
CA SER A 151 -1.87 -17.86 -15.26
C SER A 151 -2.76 -18.74 -14.38
N LEU A 152 -2.94 -18.39 -13.11
CA LEU A 152 -3.71 -19.23 -12.19
C LEU A 152 -5.22 -19.26 -12.53
N ARG A 153 -5.87 -20.36 -12.13
CA ARG A 153 -7.32 -20.58 -12.35
C ARG A 153 -8.20 -19.38 -11.99
N LYS A 154 -9.27 -19.14 -12.75
CA LYS A 154 -10.26 -18.13 -12.38
C LYS A 154 -10.83 -18.50 -10.99
N PRO A 155 -11.09 -17.52 -10.11
CA PRO A 155 -10.92 -16.10 -10.26
C PRO A 155 -9.50 -15.57 -9.86
N PHE A 156 -8.61 -16.43 -9.34
CA PHE A 156 -7.39 -16.01 -8.69
C PHE A 156 -6.44 -15.30 -9.67
N GLY A 157 -6.29 -15.85 -10.85
CA GLY A 157 -5.53 -15.17 -11.86
C GLY A 157 -5.82 -13.75 -12.17
N ASP A 158 -7.01 -13.24 -11.84
CA ASP A 158 -7.35 -11.79 -11.97
C ASP A 158 -7.20 -10.96 -10.69
N PHE A 159 -6.74 -11.58 -9.61
CA PHE A 159 -6.62 -10.90 -8.32
C PHE A 159 -5.53 -9.83 -8.46
N MET A 160 -4.31 -10.23 -8.83
CA MET A 160 -3.18 -9.28 -8.78
C MET A 160 -2.94 -8.43 -9.99
N GLU A 161 -3.35 -8.90 -11.17
CA GLU A 161 -3.08 -8.15 -12.43
C GLU A 161 -3.37 -6.64 -12.39
N PRO A 162 -4.56 -6.21 -11.93
CA PRO A 162 -4.82 -4.76 -11.83
C PRO A 162 -3.89 -3.97 -10.86
N LYS A 163 -3.38 -4.63 -9.84
CA LYS A 163 -2.39 -4.01 -8.92
C LYS A 163 -1.03 -3.85 -9.63
N PHE A 164 -0.61 -4.84 -10.40
CA PHE A 164 0.54 -4.66 -11.31
C PHE A 164 0.33 -3.53 -12.33
N GLU A 165 -0.84 -3.47 -12.94
CA GLU A 165 -1.12 -2.40 -13.87
C GLU A 165 -0.96 -0.99 -13.25
N PHE A 166 -1.51 -0.82 -12.06
CA PHE A 166 -1.33 0.41 -11.32
C PHE A 166 0.15 0.65 -10.94
N ALA A 167 0.79 -0.39 -10.44
CA ALA A 167 2.13 -0.24 -9.96
C ALA A 167 3.14 0.13 -11.04
N VAL A 168 2.99 -0.43 -12.23
CA VAL A 168 3.85 -0.06 -13.35
C VAL A 168 3.68 1.40 -13.64
N LYS A 169 2.44 1.86 -13.74
CA LYS A 169 2.19 3.30 -13.97
C LYS A 169 2.67 4.21 -12.84
N PHE A 170 2.41 3.80 -11.60
CA PHE A 170 2.74 4.59 -10.47
C PHE A 170 4.30 4.66 -10.36
N ASN A 171 4.97 3.53 -10.46
CA ASN A 171 6.43 3.47 -10.38
C ASN A 171 7.14 4.21 -11.53
N ALA A 172 6.45 4.35 -12.68
CA ALA A 172 6.94 5.19 -13.77
C ALA A 172 7.06 6.67 -13.46
N LEU A 173 6.37 7.17 -12.44
CA LEU A 173 6.58 8.52 -11.95
C LEU A 173 7.94 8.78 -11.28
N GLU A 174 8.58 7.69 -10.87
CA GLU A 174 9.91 7.67 -10.29
C GLU A 174 10.02 8.44 -8.94
N LEU A 175 8.96 8.35 -8.13
CA LEU A 175 8.97 8.99 -6.84
C LEU A 175 9.99 8.33 -5.90
N ASP A 176 10.63 9.13 -5.08
CA ASP A 176 11.42 8.57 -4.01
C ASP A 176 10.73 8.69 -2.65
N ASP A 177 11.40 8.21 -1.60
CA ASP A 177 10.83 8.29 -0.31
C ASP A 177 10.41 9.68 0.13
N SER A 178 11.21 10.70 -0.16
CA SER A 178 10.93 12.04 0.24
C SER A 178 9.65 12.58 -0.44
N ASP A 179 9.43 12.13 -1.64
CA ASP A 179 8.15 12.48 -2.32
C ASP A 179 6.98 11.73 -1.72
N LEU A 180 7.14 10.44 -1.53
CA LEU A 180 6.12 9.54 -0.98
C LEU A 180 5.67 9.98 0.40
N ALA A 181 6.55 10.50 1.21
CA ALA A 181 6.15 10.99 2.55
C ALA A 181 5.02 12.04 2.47
N ILE A 182 5.19 12.93 1.53
CA ILE A 182 4.15 13.99 1.45
C ILE A 182 2.91 13.44 0.79
N PHE A 183 3.07 12.68 -0.28
CA PHE A 183 1.95 11.98 -0.92
C PHE A 183 1.07 11.25 0.07
N ILE A 184 1.66 10.45 0.95
CA ILE A 184 0.93 9.65 1.86
C ILE A 184 0.22 10.58 2.87
N ALA A 185 0.87 11.63 3.31
CA ALA A 185 0.27 12.56 4.21
C ALA A 185 -0.97 13.22 3.51
N VAL A 186 -0.87 13.56 2.22
CA VAL A 186 -2.02 14.07 1.47
C VAL A 186 -3.20 13.13 1.44
N ILE A 187 -2.93 11.81 1.28
CA ILE A 187 -3.96 10.78 1.23
C ILE A 187 -4.66 10.71 2.58
N ILE A 188 -3.90 10.78 3.66
CA ILE A 188 -4.48 10.66 4.99
C ILE A 188 -5.38 11.84 5.32
N LEU A 189 -5.04 13.05 4.89
CA LEU A 189 -5.80 14.26 5.28
C LEU A 189 -6.78 14.57 4.21
N SER A 190 -7.61 13.59 3.87
CA SER A 190 -8.69 13.71 2.91
C SER A 190 -9.96 14.07 3.64
N GLY A 191 -10.45 15.28 3.39
CA GLY A 191 -11.64 15.79 4.05
C GLY A 191 -12.96 15.20 3.54
N ASP A 192 -12.92 14.28 2.59
CA ASP A 192 -14.13 13.66 2.08
C ASP A 192 -14.43 12.25 2.61
N ARG A 193 -13.75 11.78 3.64
CA ARG A 193 -14.10 10.46 4.20
C ARG A 193 -15.51 10.48 4.88
N PRO A 194 -16.32 9.41 4.70
CA PRO A 194 -17.64 9.37 5.37
C PRO A 194 -17.57 9.45 6.87
N GLY A 195 -18.37 10.34 7.47
CA GLY A 195 -18.52 10.40 8.92
C GLY A 195 -17.64 11.38 9.69
N LEU A 196 -16.92 12.23 8.95
CA LEU A 196 -16.06 13.21 9.56
C LEU A 196 -16.88 14.27 10.29
N LEU A 197 -16.51 14.58 11.52
CA LEU A 197 -17.30 15.57 12.28
C LEU A 197 -16.95 17.00 11.87
N ASN A 198 -15.66 17.34 11.90
CA ASN A 198 -15.15 18.68 11.58
C ASN A 198 -14.12 18.67 10.44
N VAL A 199 -14.61 18.92 9.24
CA VAL A 199 -13.84 18.88 8.01
C VAL A 199 -12.90 20.08 7.84
N LYS A 200 -13.28 21.23 8.37
CA LYS A 200 -12.58 22.44 8.00
C LYS A 200 -11.11 22.32 8.34
N PRO A 201 -10.76 21.85 9.56
CA PRO A 201 -9.37 21.84 9.87
C PRO A 201 -8.59 20.79 9.05
N ILE A 202 -9.32 19.81 8.51
CA ILE A 202 -8.72 18.70 7.70
C ILE A 202 -8.34 19.20 6.34
N GLU A 203 -9.30 19.84 5.67
CA GLU A 203 -9.03 20.38 4.36
C GLU A 203 -7.97 21.47 4.43
N ASP A 204 -7.91 22.21 5.54
CA ASP A 204 -6.85 23.18 5.79
C ASP A 204 -5.43 22.58 5.92
N ILE A 205 -5.27 21.52 6.70
CA ILE A 205 -3.98 20.86 6.75
C ILE A 205 -3.63 20.31 5.37
N GLN A 206 -4.58 19.68 4.67
CA GLN A 206 -4.29 19.08 3.36
C GLN A 206 -3.90 20.15 2.34
N ASP A 207 -4.47 21.35 2.44
CA ASP A 207 -4.06 22.42 1.49
C ASP A 207 -2.59 22.77 1.62
N ASN A 208 -2.12 22.96 2.86
CA ASN A 208 -0.72 23.13 3.22
C ASN A 208 0.15 21.96 2.70
N LEU A 209 -0.34 20.74 2.90
CA LEU A 209 0.41 19.54 2.41
C LEU A 209 0.52 19.57 0.90
N LEU A 210 -0.56 19.94 0.23
CA LEU A 210 -0.59 20.13 -1.28
C LEU A 210 0.36 21.18 -1.80
N GLN A 211 0.53 22.26 -1.05
CA GLN A 211 1.59 23.26 -1.31
C GLN A 211 2.96 22.67 -1.24
N ALA A 212 3.19 21.95 -0.11
CA ALA A 212 4.44 21.32 0.13
C ALA A 212 4.75 20.32 -0.97
N LEU A 213 3.78 19.53 -1.38
CA LEU A 213 3.99 18.53 -2.37
C LEU A 213 4.38 19.15 -3.70
N GLU A 214 3.57 20.14 -4.15
CA GLU A 214 3.91 20.90 -5.37
C GLU A 214 5.36 21.38 -5.42
N LEU A 215 5.86 21.99 -4.33
CA LEU A 215 7.18 22.56 -4.28
C LEU A 215 8.19 21.34 -4.30
N GLN A 216 7.93 20.29 -3.50
CA GLN A 216 8.82 19.17 -3.44
C GLN A 216 9.04 18.57 -4.81
N LEU A 217 7.94 18.38 -5.57
CA LEU A 217 8.06 17.82 -6.93
C LEU A 217 8.82 18.71 -7.90
N LYS A 218 8.67 20.01 -7.75
CA LYS A 218 9.41 21.00 -8.53
C LYS A 218 10.88 20.95 -8.25
N LEU A 219 11.25 20.81 -7.00
CA LEU A 219 12.63 20.84 -6.58
C LEU A 219 13.32 19.49 -6.83
N ASN A 220 12.61 18.39 -6.61
CA ASN A 220 13.17 17.05 -6.76
C ASN A 220 13.11 16.50 -8.16
N HIS A 221 12.18 17.00 -8.95
CA HIS A 221 11.99 16.53 -10.30
C HIS A 221 11.78 17.69 -11.24
N PRO A 222 12.78 18.60 -11.34
CA PRO A 222 12.66 19.87 -12.18
C PRO A 222 12.41 19.57 -13.67
N GLU A 223 12.90 18.41 -14.13
CA GLU A 223 12.68 17.97 -15.49
C GLU A 223 11.27 17.52 -15.89
N SER A 224 10.37 17.24 -14.94
CA SER A 224 9.21 16.45 -15.28
C SER A 224 8.00 17.29 -15.77
N SER A 225 7.05 16.60 -16.41
CA SER A 225 5.93 17.32 -17.02
C SER A 225 4.64 16.86 -16.42
N GLN A 226 4.00 17.79 -15.73
CA GLN A 226 2.79 17.59 -15.04
C GLN A 226 2.96 16.47 -14.05
N LEU A 227 4.15 16.42 -13.41
CA LEU A 227 4.28 15.35 -12.38
C LEU A 227 3.27 15.54 -11.21
N PHE A 228 3.05 16.77 -10.75
CA PHE A 228 2.07 17.06 -9.70
C PHE A 228 0.68 16.53 -10.11
N ALA A 229 0.27 16.95 -11.30
CA ALA A 229 -1.02 16.52 -11.83
C ALA A 229 -1.15 14.98 -11.98
N LYS A 230 -0.12 14.34 -12.53
CA LYS A 230 -0.14 12.92 -12.72
C LYS A 230 -0.17 12.22 -11.38
N LEU A 231 0.57 12.75 -10.41
CA LEU A 231 0.55 12.11 -9.13
C LEU A 231 -0.85 12.26 -8.46
N LEU A 232 -1.44 13.45 -8.56
CA LEU A 232 -2.79 13.61 -7.98
C LEU A 232 -3.80 12.65 -8.59
N GLN A 233 -3.73 12.35 -9.88
CA GLN A 233 -4.57 11.32 -10.52
C GLN A 233 -4.40 9.91 -9.98
N LYS A 234 -3.25 9.65 -9.38
CA LYS A 234 -3.08 8.35 -8.80
C LYS A 234 -3.94 8.11 -7.56
N MET A 235 -4.36 9.17 -6.87
CA MET A 235 -5.28 9.05 -5.74
C MET A 235 -6.60 8.46 -6.23
N THR A 236 -7.01 8.90 -7.42
CA THR A 236 -8.20 8.29 -8.01
C THR A 236 -8.00 6.82 -8.32
N ASP A 237 -6.88 6.46 -8.92
CA ASP A 237 -6.60 5.07 -9.23
C ASP A 237 -6.57 4.26 -7.92
N LEU A 238 -5.98 4.80 -6.83
CA LEU A 238 -5.96 4.06 -5.57
C LEU A 238 -7.36 3.91 -5.05
N ARG A 239 -8.09 5.02 -4.94
CA ARG A 239 -9.54 5.05 -4.61
C ARG A 239 -10.26 4.00 -5.35
N GLN A 240 -10.08 4.07 -6.68
CA GLN A 240 -10.75 3.19 -7.59
C GLN A 240 -10.36 1.78 -7.21
N ILE A 241 -9.07 1.47 -7.09
CA ILE A 241 -8.61 0.13 -6.70
C ILE A 241 -9.27 -0.31 -5.35
N VAL A 242 -9.41 0.57 -4.36
CA VAL A 242 -9.99 0.19 -3.07
C VAL A 242 -11.48 -0.07 -3.21
N THR A 243 -12.20 0.86 -3.84
CA THR A 243 -13.67 0.67 -4.01
C THR A 243 -13.98 -0.63 -4.67
N GLU A 244 -13.21 -0.95 -5.70
CA GLU A 244 -13.34 -2.19 -6.46
C GLU A 244 -13.26 -3.38 -5.55
N HIS A 245 -12.24 -3.50 -4.65
CA HIS A 245 -11.89 -4.88 -4.13
C HIS A 245 -13.16 -5.76 -3.83
N VAL A 246 -14.23 -5.12 -3.35
CA VAL A 246 -15.58 -5.72 -3.26
C VAL A 246 -16.06 -6.46 -4.52
N GLN A 247 -15.86 -5.90 -5.71
CA GLN A 247 -16.24 -6.59 -6.96
C GLN A 247 -15.54 -7.97 -7.11
N LEU A 248 -14.39 -8.13 -6.46
CA LEU A 248 -13.74 -9.42 -6.35
C LEU A 248 -14.43 -10.27 -5.32
N LEU A 249 -14.87 -9.68 -4.21
CA LEU A 249 -15.63 -10.39 -3.16
C LEU A 249 -16.84 -11.17 -3.71
N GLN A 250 -17.52 -10.57 -4.68
CA GLN A 250 -18.81 -11.04 -5.15
C GLN A 250 -18.72 -11.80 -6.49
N VAL A 251 -17.57 -11.76 -7.17
CA VAL A 251 -17.24 -12.77 -8.22
C VAL A 251 -16.96 -14.13 -7.58
N ILE A 252 -16.24 -14.13 -6.46
CA ILE A 252 -15.99 -15.32 -5.65
C ILE A 252 -17.31 -16.04 -5.27
N LYS A 253 -18.21 -15.34 -4.55
CA LYS A 253 -19.35 -16.01 -3.87
C LYS A 253 -20.21 -16.84 -4.83
N LYS A 254 -20.17 -16.50 -6.12
CA LYS A 254 -20.70 -17.31 -7.22
C LYS A 254 -19.72 -17.34 -8.42
N THR A 255 -18.70 -18.21 -8.33
CA THR A 255 -17.76 -18.54 -9.45
C THR A 255 -18.01 -19.97 -9.95
N GLU A 256 -17.71 -20.20 -11.24
CA GLU A 256 -17.69 -21.55 -11.82
C GLU A 256 -16.75 -22.48 -11.04
N THR A 257 -17.34 -23.15 -10.04
CA THR A 257 -16.67 -24.14 -9.17
C THR A 257 -15.57 -24.97 -9.88
N ASP A 258 -14.43 -25.27 -9.25
CA ASP A 258 -14.11 -25.04 -7.82
C ASP A 258 -12.94 -24.08 -7.63
N MET A 259 -12.68 -23.72 -6.37
CA MET A 259 -11.62 -22.79 -6.03
C MET A 259 -10.55 -23.49 -5.20
N SER A 260 -10.05 -24.60 -5.71
CA SER A 260 -8.87 -25.23 -5.18
C SER A 260 -7.73 -24.26 -5.47
N LEU A 261 -6.74 -24.24 -4.59
CA LEU A 261 -5.54 -23.52 -4.89
C LEU A 261 -4.49 -24.19 -4.09
N HIS A 262 -3.34 -24.39 -4.69
CA HIS A 262 -2.29 -25.02 -3.97
C HIS A 262 -1.97 -24.19 -2.72
N PRO A 263 -1.80 -24.88 -1.57
CA PRO A 263 -1.45 -24.25 -0.29
C PRO A 263 -0.24 -23.31 -0.25
N LEU A 264 0.80 -23.54 -1.03
CA LEU A 264 1.87 -22.54 -1.12
C LEU A 264 1.34 -21.27 -1.85
N LEU A 265 0.42 -21.39 -2.82
CA LEU A 265 -0.15 -20.20 -3.50
C LEU A 265 -1.09 -19.41 -2.60
N GLN A 266 -1.90 -20.11 -1.82
CA GLN A 266 -2.70 -19.48 -0.79
C GLN A 266 -1.80 -18.73 0.20
N GLU A 267 -0.69 -19.34 0.66
CA GLU A 267 0.31 -18.69 1.55
C GLU A 267 0.89 -17.38 0.95
N ILE A 268 1.27 -17.46 -0.32
CA ILE A 268 1.82 -16.35 -1.05
C ILE A 268 0.79 -15.23 -1.17
N TYR A 269 -0.46 -15.53 -1.44
CA TYR A 269 -1.42 -14.43 -1.66
C TYR A 269 -1.67 -13.62 -0.36
N LYS A 270 -1.42 -14.24 0.80
CA LYS A 270 -1.71 -13.62 2.07
C LYS A 270 -0.67 -12.56 2.36
N ASP A 271 0.44 -12.64 1.61
CA ASP A 271 1.44 -11.54 1.50
C ASP A 271 1.19 -10.40 0.58
N LEU A 272 0.05 -10.37 -0.05
CA LEU A 272 -0.27 -9.35 -1.00
C LEU A 272 -1.42 -8.53 -0.46
N TYR A 273 -2.15 -7.86 -1.33
CA TYR A 273 -3.27 -7.02 -0.90
C TYR A 273 -4.09 -6.71 -2.08
N SER B 1 -11.83 -11.26 18.00
CA SER B 1 -12.40 -11.37 16.60
C SER B 1 -13.64 -10.44 16.35
N ASN B 2 -14.23 -9.89 17.42
CA ASN B 2 -15.18 -8.77 17.28
C ASN B 2 -14.52 -7.36 17.21
N LEU B 3 -13.18 -7.30 17.28
CA LEU B 3 -12.42 -6.07 17.27
C LEU B 3 -11.79 -5.91 15.91
N GLY B 4 -12.13 -4.77 15.28
CA GLY B 4 -11.82 -4.59 13.87
C GLY B 4 -10.65 -3.64 13.68
N LEU B 5 -10.66 -3.05 12.51
CA LEU B 5 -9.63 -2.17 12.10
C LEU B 5 -9.59 -0.93 13.01
N GLU B 6 -10.76 -0.39 13.32
CA GLU B 6 -10.82 0.78 14.18
C GLU B 6 -10.18 0.58 15.53
N ASP B 7 -10.39 -0.59 16.16
CA ASP B 7 -9.73 -0.93 17.43
C ASP B 7 -8.19 -0.86 17.32
N ILE B 8 -7.61 -1.39 16.25
CA ILE B 8 -6.16 -1.39 16.00
C ILE B 8 -5.68 0.03 15.92
N ILE B 9 -6.43 0.85 15.19
CA ILE B 9 -6.06 2.23 14.96
C ILE B 9 -6.19 3.00 16.29
N ARG B 10 -7.33 2.83 16.99
CA ARG B 10 -7.56 3.58 18.18
C ARG B 10 -6.47 3.27 19.19
N LYS B 11 -6.14 1.98 19.34
CA LYS B 11 -5.08 1.52 20.21
C LYS B 11 -3.75 2.16 19.87
N ALA B 12 -3.41 2.16 18.58
CA ALA B 12 -2.20 2.77 18.11
C ALA B 12 -2.20 4.30 18.32
N LEU B 13 -3.32 4.98 18.21
CA LEU B 13 -3.37 6.43 18.52
C LEU B 13 -3.15 6.76 19.97
N MET B 14 -3.50 5.83 20.87
CA MET B 14 -3.38 6.01 22.34
C MET B 14 -2.05 5.53 22.95
C10 SKL C . -9.76 -4.83 2.17
C11 SKL C . -9.03 -5.90 1.68
O1 SKL C . -10.53 -1.34 1.62
C5 SKL C . -11.26 -0.54 2.46
C4 SKL C . -11.64 0.79 2.40
C3 SKL C . -12.34 1.38 3.42
C2 SKL C . -12.72 0.63 4.53
C1 SKL C . -13.45 1.29 5.58
C8 SKL C . -12.34 -0.73 4.54
C7 SKL C . -11.62 -1.30 3.52
N1 SKL C . -11.09 -2.52 3.31
C6 SKL C . -10.49 -2.57 2.13
C9 SKL C . -9.78 -3.60 1.59
C21 SKL C . -8.97 -3.45 0.50
C20 SKL C . -8.25 -4.47 -0.04
C12 SKL C . -8.21 -5.73 0.55
N2 SKL C . -7.46 -6.72 0.00
C13 SKL C . -7.37 -7.99 0.39
O2 SKL C . -8.00 -8.48 1.32
C14 SKL C . -6.49 -8.85 -0.30
C15 SKL C . -6.55 -8.94 -1.69
C16 SKL C . -5.74 -9.78 -2.40
N3 SKL C . -5.82 -9.86 -3.73
O4 SKL C . -6.75 -9.07 -4.49
O3 SKL C . -4.92 -10.71 -4.29
C17 SKL C . -4.82 -10.52 -1.70
C18 SKL C . -4.70 -10.46 -0.31
C19 SKL C . -5.57 -9.63 0.42
S CXS D . 4.11 -10.40 7.34
O1 CXS D . 3.49 -11.80 7.20
O2 CXS D . 4.23 -9.97 8.80
O3 CXS D . 5.48 -10.43 6.66
C1 CXS D . 2.91 -9.39 6.39
C2 CXS D . 3.35 -7.98 6.01
C3 CXS D . 3.50 -7.91 4.49
N CXS D . 2.26 -7.66 3.68
C4 CXS D . 2.17 -6.34 3.02
C5 CXS D . 1.29 -5.42 3.72
C6 CXS D . 1.90 -4.01 3.45
C7 CXS D . 2.06 -3.81 1.89
C8 CXS D . 1.45 -4.91 0.98
C9 CXS D . 1.66 -6.39 1.57
S CXS E . -13.62 -8.63 6.66
O1 CXS E . -14.26 -7.25 6.80
O2 CXS E . -14.72 -9.66 7.05
O3 CXS E . -13.07 -8.89 5.25
C1 CXS E . -12.23 -9.09 7.77
C2 CXS E . -11.64 -7.74 7.96
C3 CXS E . -10.24 -7.97 8.57
N CXS E . -10.25 -7.05 9.67
C4 CXS E . -8.98 -6.89 10.43
C5 CXS E . -9.31 -6.38 11.83
C6 CXS E . -7.99 -6.37 12.61
C7 CXS E . -7.03 -5.45 11.89
C8 CXS E . -6.74 -5.97 10.52
C9 CXS E . -8.05 -5.93 9.78
S SO4 F . -0.72 28.69 -4.30
O1 SO4 F . -1.38 29.24 -3.07
O2 SO4 F . -1.70 28.53 -5.44
O3 SO4 F . 0.42 29.56 -4.65
O4 SO4 F . -0.18 27.34 -3.95
#